data_5EMO
#
_entry.id   5EMO
#
_cell.length_a   51.601
_cell.length_b   79.967
_cell.length_c   53.831
_cell.angle_alpha   90.000
_cell.angle_beta   101.050
_cell.angle_gamma   90.000
#
_symmetry.space_group_name_H-M   'P 1 21 1'
#
loop_
_entity.id
_entity.type
_entity.pdbx_description
1 polymer 'KH domain-containing, RNA-binding, signal transduction-associated protein 3'
2 polymer "RNA (5'-R(P*AP*UP*UP*AP*AP*A)-3')"
#
loop_
_entity_poly.entity_id
_entity_poly.type
_entity_poly.pdbx_seq_one_letter_code
_entity_poly.pdbx_strand_id
1 'polypeptide(L)'
;GAMEEKYLPELMAEKDSLDPSFTHALRLVNQEIEKFQKGEGKDEEKYIDVVINKNMKLGQKVLIPVKQFPKFNFVGKLLG
PRGNSLKRLQEETLTKMSILGKGSMRDKAKEEELRKSGEAKYFHLNDDLHVLIEVFAPPAEAYARMGHALEEIKKFLIPD
YNDEIRQAQLQELTYLNGGSENADV
;
A,B
2 'polyribonucleotide' AUUAAA E,F
#
loop_
_chem_comp.id
_chem_comp.type
_chem_comp.name
_chem_comp.formula
A RNA linking ADENOSINE-5'-MONOPHOSPHATE 'C10 H14 N5 O7 P'
U RNA linking URIDINE-5'-MONOPHOSPHATE 'C9 H13 N2 O9 P'
#
# COMPACT_ATOMS: atom_id res chain seq x y z
N TYR A 7 10.27 13.81 -28.19
CA TYR A 7 9.64 13.35 -26.96
C TYR A 7 9.79 11.84 -26.76
N LEU A 8 9.35 11.38 -25.58
CA LEU A 8 9.33 9.99 -25.14
C LEU A 8 8.63 9.03 -26.11
N PRO A 9 7.65 9.48 -26.93
CA PRO A 9 7.11 8.61 -27.99
C PRO A 9 8.15 7.79 -28.78
N GLU A 10 9.43 8.12 -28.63
CA GLU A 10 10.51 7.21 -29.00
C GLU A 10 10.25 5.81 -28.47
N LEU A 11 9.61 5.73 -27.28
CA LEU A 11 9.25 4.45 -26.71
C LEU A 11 8.34 3.65 -27.64
N MET A 12 7.39 4.32 -28.29
CA MET A 12 6.52 3.63 -29.24
C MET A 12 7.34 2.98 -30.35
N ALA A 13 8.38 3.67 -30.83
CA ALA A 13 9.26 3.07 -31.82
C ALA A 13 10.01 1.87 -31.24
N GLU A 14 10.30 1.88 -29.94
CA GLU A 14 10.94 0.74 -29.32
C GLU A 14 9.96 -0.42 -29.14
N LYS A 15 8.70 -0.11 -28.79
CA LYS A 15 7.72 -1.17 -28.53
C LYS A 15 7.55 -2.08 -29.73
N ASP A 16 7.34 -1.50 -30.91
CA ASP A 16 7.07 -2.32 -32.09
C ASP A 16 8.33 -3.04 -32.59
N SER A 17 9.49 -2.42 -32.43
CA SER A 17 10.72 -2.92 -33.03
C SER A 17 11.56 -3.76 -32.07
N LEU A 18 11.15 -3.92 -30.82
CA LEU A 18 11.94 -4.68 -29.85
C LEU A 18 11.62 -6.16 -29.96
N ASP A 19 12.66 -6.98 -29.80
CA ASP A 19 12.49 -8.43 -29.87
C ASP A 19 11.55 -8.88 -28.76
N PRO A 20 10.47 -9.59 -29.08
CA PRO A 20 9.56 -10.07 -28.02
C PRO A 20 10.22 -10.98 -27.01
N SER A 21 11.42 -11.52 -27.29
CA SER A 21 12.09 -12.38 -26.34
C SER A 21 12.51 -11.64 -25.08
N PHE A 22 12.61 -10.30 -25.13
CA PHE A 22 12.90 -9.53 -23.93
C PHE A 22 11.56 -9.14 -23.35
N THR A 23 11.14 -9.84 -22.30
CA THR A 23 9.79 -9.71 -21.78
C THR A 23 9.66 -8.58 -20.77
N HIS A 24 10.62 -8.45 -19.85
CA HIS A 24 10.50 -7.47 -18.77
C HIS A 24 10.75 -6.07 -19.28
N ALA A 25 11.64 -5.91 -20.26
CA ALA A 25 11.85 -4.59 -20.86
C ALA A 25 10.60 -4.15 -21.61
N LEU A 26 9.98 -5.04 -22.38
CA LEU A 26 8.78 -4.70 -23.11
C LEU A 26 7.60 -4.40 -22.17
N ARG A 27 7.63 -4.97 -20.97
CA ARG A 27 6.61 -4.62 -19.97
C ARG A 27 6.87 -3.22 -19.40
N LEU A 28 8.12 -2.93 -19.06
CA LEU A 28 8.45 -1.63 -18.47
C LEU A 28 8.18 -0.50 -19.46
N VAL A 29 8.45 -0.74 -20.74
CA VAL A 29 8.23 0.29 -21.75
C VAL A 29 6.74 0.56 -21.92
N ASN A 30 5.92 -0.49 -21.90
CA ASN A 30 4.48 -0.30 -21.98
C ASN A 30 3.88 0.18 -20.66
N GLN A 31 4.57 -0.05 -19.53
CA GLN A 31 4.17 0.59 -18.29
C GLN A 31 4.49 2.08 -18.28
N GLU A 32 5.35 2.53 -19.20
CA GLU A 32 5.83 3.90 -19.27
C GLU A 32 4.96 4.78 -20.17
N ILE A 33 3.82 4.27 -20.64
CA ILE A 33 2.97 4.95 -21.63
C ILE A 33 2.60 6.36 -21.17
N GLU A 34 2.69 6.62 -19.87
CA GLU A 34 2.48 7.98 -19.37
C GLU A 34 3.70 8.86 -19.66
N ILE A 48 -4.73 13.23 2.25
CA ILE A 48 -6.15 12.93 2.27
C ILE A 48 -6.93 14.02 3.01
N ASP A 49 -8.15 14.27 2.54
CA ASP A 49 -9.05 15.26 3.13
C ASP A 49 -10.25 14.53 3.71
N VAL A 50 -10.44 14.63 5.02
CA VAL A 50 -11.51 13.88 5.68
C VAL A 50 -12.83 14.63 5.74
N VAL A 51 -12.84 15.94 5.49
CA VAL A 51 -14.10 16.67 5.60
C VAL A 51 -14.93 16.51 4.34
N ILE A 52 -14.28 16.37 3.18
CA ILE A 52 -15.04 16.04 1.96
C ILE A 52 -15.52 14.60 2.02
N ASN A 53 -14.74 13.71 2.63
CA ASN A 53 -15.14 12.35 2.94
C ASN A 53 -15.64 11.59 1.70
N LYS A 54 -14.93 11.75 0.59
CA LYS A 54 -15.22 10.94 -0.58
C LYS A 54 -14.50 9.59 -0.44
N ASN A 55 -14.71 8.72 -1.42
CA ASN A 55 -14.32 7.32 -1.26
C ASN A 55 -12.83 7.14 -1.51
N MET A 56 -12.13 6.68 -0.48
CA MET A 56 -10.74 6.24 -0.54
C MET A 56 -10.66 4.80 -1.02
N LYS A 57 -9.50 4.44 -1.60
CA LYS A 57 -9.19 3.06 -1.93
C LYS A 57 -7.97 2.61 -1.16
N LEU A 58 -8.01 1.38 -0.66
CA LEU A 58 -6.93 0.79 0.12
C LEU A 58 -6.58 -0.59 -0.44
N GLY A 59 -5.38 -1.06 -0.11
CA GLY A 59 -5.02 -2.44 -0.38
C GLY A 59 -3.94 -2.91 0.56
N GLN A 60 -3.95 -4.22 0.82
CA GLN A 60 -2.95 -4.84 1.68
C GLN A 60 -2.65 -6.24 1.14
N LYS A 61 -1.37 -6.57 1.01
CA LYS A 61 -0.94 -7.87 0.52
C LYS A 61 -0.59 -8.76 1.71
N VAL A 62 -1.34 -9.83 1.90
CA VAL A 62 -1.18 -10.71 3.04
C VAL A 62 -0.50 -12.00 2.56
N LEU A 63 0.66 -12.30 3.14
CA LEU A 63 1.39 -13.50 2.78
C LEU A 63 0.60 -14.74 3.16
N ILE A 64 0.70 -15.76 2.32
CA ILE A 64 0.10 -17.07 2.58
C ILE A 64 1.21 -18.00 3.07
N PRO A 65 1.13 -18.55 4.30
CA PRO A 65 2.26 -19.28 4.90
C PRO A 65 2.43 -20.69 4.37
N VAL A 66 2.87 -20.80 3.11
CA VAL A 66 3.19 -22.11 2.55
C VAL A 66 4.54 -22.61 3.04
N LYS A 67 5.44 -21.71 3.44
CA LYS A 67 6.69 -22.14 4.04
C LYS A 67 6.45 -22.82 5.38
N GLN A 68 5.52 -22.30 6.17
CA GLN A 68 5.23 -22.88 7.47
C GLN A 68 4.31 -24.09 7.38
N PHE A 69 3.37 -24.08 6.44
CA PHE A 69 2.40 -25.16 6.28
C PHE A 69 2.43 -25.68 4.85
N PRO A 70 3.49 -26.38 4.47
CA PRO A 70 3.62 -26.82 3.07
C PRO A 70 2.60 -27.88 2.66
N LYS A 71 2.03 -28.61 3.62
CA LYS A 71 1.07 -29.67 3.30
C LYS A 71 -0.37 -29.18 3.28
N PHE A 72 -0.62 -27.93 3.64
CA PHE A 72 -1.95 -27.35 3.61
C PHE A 72 -2.16 -26.62 2.29
N ASN A 73 -3.28 -26.88 1.63
CA ASN A 73 -3.64 -26.14 0.43
C ASN A 73 -4.56 -24.99 0.86
N PHE A 74 -4.04 -23.77 0.76
CA PHE A 74 -4.80 -22.59 1.17
C PHE A 74 -5.74 -22.13 0.06
N VAL A 75 -5.29 -22.20 -1.19
CA VAL A 75 -6.07 -21.68 -2.31
C VAL A 75 -7.43 -22.36 -2.37
N GLY A 76 -7.46 -23.67 -2.10
CA GLY A 76 -8.73 -24.38 -2.11
C GLY A 76 -9.59 -24.04 -0.91
N LYS A 77 -8.99 -24.00 0.28
CA LYS A 77 -9.75 -23.65 1.48
C LYS A 77 -10.30 -22.23 1.39
N LEU A 78 -9.56 -21.33 0.72
CA LEU A 78 -10.02 -19.95 0.58
C LEU A 78 -11.17 -19.84 -0.41
N LEU A 79 -11.04 -20.48 -1.57
CA LEU A 79 -12.05 -20.33 -2.62
C LEU A 79 -13.28 -21.19 -2.34
N GLY A 80 -13.08 -22.47 -2.02
CA GLY A 80 -14.18 -23.37 -1.81
C GLY A 80 -14.86 -23.74 -3.11
N PRO A 81 -16.04 -24.35 -3.03
CA PRO A 81 -16.76 -24.72 -4.25
C PRO A 81 -17.17 -23.48 -5.04
N ARG A 82 -16.79 -23.46 -6.32
CA ARG A 82 -17.03 -22.38 -7.27
C ARG A 82 -16.80 -21.01 -6.64
N GLY A 83 -15.77 -20.90 -5.80
CA GLY A 83 -15.40 -19.64 -5.18
C GLY A 83 -16.34 -19.13 -4.11
N ASN A 84 -17.28 -19.95 -3.65
CA ASN A 84 -18.35 -19.45 -2.77
C ASN A 84 -17.78 -18.88 -1.46
N SER A 85 -16.84 -19.59 -0.84
CA SER A 85 -16.34 -19.14 0.45
C SER A 85 -15.58 -17.83 0.33
N LEU A 86 -14.83 -17.63 -0.75
CA LEU A 86 -14.17 -16.34 -0.94
C LEU A 86 -15.19 -15.25 -1.27
N LYS A 87 -16.23 -15.59 -2.03
CA LYS A 87 -17.29 -14.62 -2.31
C LYS A 87 -17.98 -14.17 -1.04
N ARG A 88 -18.26 -15.12 -0.15
CA ARG A 88 -18.97 -14.79 1.09
C ARG A 88 -18.11 -13.92 2.00
N LEU A 89 -16.81 -14.23 2.09
CA LEU A 89 -15.91 -13.39 2.88
C LEU A 89 -15.83 -11.99 2.29
N GLN A 90 -15.72 -11.90 0.96
CA GLN A 90 -15.77 -10.59 0.31
C GLN A 90 -17.07 -9.87 0.60
N GLU A 91 -18.19 -10.61 0.62
CA GLU A 91 -19.47 -9.97 0.85
C GLU A 91 -19.64 -9.54 2.30
N GLU A 92 -19.18 -10.37 3.25
CA GLU A 92 -19.42 -10.08 4.65
C GLU A 92 -18.42 -9.08 5.22
N THR A 93 -17.21 -9.00 4.67
CA THR A 93 -16.26 -7.97 5.05
C THR A 93 -16.35 -6.73 4.17
N LEU A 94 -17.15 -6.78 3.09
CA LEU A 94 -17.30 -5.67 2.14
C LEU A 94 -15.94 -5.25 1.57
N THR A 95 -15.15 -6.24 1.16
CA THR A 95 -13.85 -6.03 0.55
C THR A 95 -13.75 -6.91 -0.69
N LYS A 96 -12.73 -6.66 -1.51
CA LYS A 96 -12.42 -7.46 -2.68
C LYS A 96 -11.09 -8.15 -2.46
N MET A 97 -11.10 -9.48 -2.49
CA MET A 97 -9.89 -10.28 -2.26
C MET A 97 -9.47 -10.97 -3.56
N SER A 98 -8.17 -11.02 -3.79
CA SER A 98 -7.62 -11.63 -4.99
C SER A 98 -6.40 -12.45 -4.62
N ILE A 99 -6.38 -13.71 -5.03
CA ILE A 99 -5.29 -14.63 -4.72
C ILE A 99 -4.28 -14.58 -5.87
N LEU A 100 -3.07 -14.10 -5.57
CA LEU A 100 -2.02 -13.88 -6.57
C LEU A 100 -0.71 -14.46 -6.06
N GLY A 101 0.28 -14.51 -6.94
CA GLY A 101 1.61 -14.98 -6.62
C GLY A 101 1.86 -16.37 -7.19
N LYS A 102 3.02 -16.91 -6.83
CA LYS A 102 3.46 -18.20 -7.35
C LYS A 102 2.57 -19.30 -6.79
N GLY A 103 1.98 -20.10 -7.68
CA GLY A 103 1.13 -21.19 -7.28
C GLY A 103 -0.34 -20.85 -7.11
N SER A 104 -0.75 -19.66 -7.53
CA SER A 104 -2.15 -19.26 -7.38
C SER A 104 -3.04 -19.84 -8.48
N MET A 105 -2.51 -20.02 -9.69
CA MET A 105 -3.30 -20.56 -10.78
C MET A 105 -3.42 -22.08 -10.68
N ARG A 106 -4.49 -22.62 -11.25
CA ARG A 106 -4.70 -24.06 -11.22
C ARG A 106 -3.85 -24.78 -12.26
N ASP A 107 -3.67 -24.18 -13.44
CA ASP A 107 -2.84 -24.77 -14.48
C ASP A 107 -1.43 -24.22 -14.31
N LYS A 108 -0.50 -25.08 -13.89
CA LYS A 108 0.84 -24.61 -13.59
C LYS A 108 1.67 -24.39 -14.85
N ALA A 109 1.42 -25.17 -15.91
CA ALA A 109 2.11 -24.93 -17.17
C ALA A 109 1.66 -23.61 -17.79
N LYS A 110 0.38 -23.28 -17.66
CA LYS A 110 -0.10 -21.99 -18.11
C LYS A 110 0.42 -20.86 -17.24
N GLU A 111 0.66 -21.13 -15.95
CA GLU A 111 1.15 -20.10 -15.04
C GLU A 111 2.57 -19.70 -15.37
N GLU A 112 3.40 -20.66 -15.78
CA GLU A 112 4.78 -20.32 -16.16
C GLU A 112 4.82 -19.54 -17.46
N GLU A 113 4.02 -19.95 -18.45
CA GLU A 113 4.02 -19.23 -19.72
C GLU A 113 3.41 -17.84 -19.58
N LEU A 114 2.46 -17.67 -18.67
CA LEU A 114 1.93 -16.33 -18.41
C LEU A 114 2.95 -15.49 -17.62
N ARG A 115 3.71 -16.13 -16.73
CA ARG A 115 4.84 -15.42 -16.12
C ARG A 115 5.91 -15.13 -17.15
N LYS A 116 6.17 -16.08 -18.05
CA LYS A 116 7.06 -15.82 -19.19
C LYS A 116 6.47 -14.77 -20.11
N SER A 117 5.14 -14.70 -20.19
CA SER A 117 4.51 -13.63 -20.96
C SER A 117 4.80 -12.25 -20.36
N GLY A 118 5.03 -12.20 -19.05
CA GLY A 118 5.50 -10.98 -18.40
C GLY A 118 4.68 -9.75 -18.70
N GLU A 119 3.36 -9.90 -18.76
CA GLU A 119 2.47 -8.75 -18.84
C GLU A 119 2.13 -8.29 -17.44
N ALA A 120 1.98 -6.97 -17.26
CA ALA A 120 1.70 -6.41 -15.95
C ALA A 120 0.52 -7.09 -15.27
N LYS A 121 -0.46 -7.53 -16.06
CA LYS A 121 -1.60 -8.26 -15.49
C LYS A 121 -1.11 -9.54 -14.81
N TYR A 122 -0.24 -10.30 -15.48
CA TYR A 122 0.26 -11.56 -14.96
C TYR A 122 1.63 -11.44 -14.30
N PHE A 123 2.16 -10.22 -14.17
CA PHE A 123 3.48 -10.03 -13.57
C PHE A 123 3.53 -10.54 -12.13
N HIS A 124 2.39 -10.55 -11.43
CA HIS A 124 2.39 -10.88 -10.01
C HIS A 124 2.91 -12.27 -9.72
N LEU A 125 2.91 -13.16 -10.71
CA LEU A 125 3.30 -14.55 -10.48
C LEU A 125 4.76 -14.66 -10.05
N ASN A 126 5.58 -13.65 -10.32
CA ASN A 126 6.96 -13.64 -9.84
C ASN A 126 7.04 -13.53 -8.33
N ASP A 127 5.97 -13.08 -7.68
CA ASP A 127 5.97 -12.89 -6.24
C ASP A 127 5.55 -14.17 -5.52
N ASP A 128 5.57 -14.12 -4.19
CA ASP A 128 5.15 -15.23 -3.36
C ASP A 128 3.64 -15.29 -3.26
N LEU A 129 3.12 -16.49 -2.98
CA LEU A 129 1.68 -16.68 -2.87
C LEU A 129 1.10 -15.81 -1.76
N HIS A 130 0.12 -15.00 -2.11
CA HIS A 130 -0.40 -14.01 -1.17
C HIS A 130 -1.82 -13.63 -1.56
N VAL A 131 -2.51 -12.99 -0.62
CA VAL A 131 -3.85 -12.46 -0.84
C VAL A 131 -3.75 -10.94 -0.88
N LEU A 132 -4.45 -10.34 -1.83
CA LEU A 132 -4.52 -8.88 -1.96
C LEU A 132 -5.95 -8.46 -1.63
N ILE A 133 -6.13 -7.78 -0.51
CA ILE A 133 -7.43 -7.30 -0.07
C ILE A 133 -7.57 -5.85 -0.48
N GLU A 134 -8.67 -5.51 -1.14
CA GLU A 134 -8.97 -4.15 -1.55
C GLU A 134 -10.30 -3.70 -0.97
N VAL A 135 -10.38 -2.43 -0.60
CA VAL A 135 -11.60 -1.84 -0.08
C VAL A 135 -11.73 -0.43 -0.64
N PHE A 136 -12.94 -0.06 -1.04
CA PHE A 136 -13.23 1.26 -1.61
C PHE A 136 -14.40 1.86 -0.84
N ALA A 137 -14.12 2.90 -0.06
CA ALA A 137 -15.11 3.49 0.82
C ALA A 137 -14.61 4.84 1.33
N PRO A 138 -15.40 5.59 2.09
CA PRO A 138 -14.87 6.75 2.82
C PRO A 138 -13.77 6.33 3.77
N PRO A 139 -12.87 7.24 4.14
CA PRO A 139 -11.62 6.80 4.80
C PRO A 139 -11.82 6.07 6.12
N ALA A 140 -12.64 6.62 7.03
CA ALA A 140 -12.81 5.96 8.32
C ALA A 140 -13.49 4.62 8.20
N GLU A 141 -14.39 4.47 7.22
CA GLU A 141 -15.01 3.17 6.99
C GLU A 141 -14.05 2.23 6.26
N ALA A 142 -13.31 2.74 5.28
CA ALA A 142 -12.43 1.89 4.48
C ALA A 142 -11.35 1.24 5.35
N TYR A 143 -10.86 1.95 6.36
CA TYR A 143 -9.86 1.36 7.25
C TYR A 143 -10.48 0.31 8.16
N ALA A 144 -11.70 0.55 8.64
CA ALA A 144 -12.35 -0.41 9.52
C ALA A 144 -12.73 -1.68 8.77
N ARG A 145 -13.15 -1.55 7.50
CA ARG A 145 -13.50 -2.71 6.70
C ARG A 145 -12.27 -3.58 6.43
N MET A 146 -11.13 -2.95 6.14
CA MET A 146 -9.91 -3.71 5.93
C MET A 146 -9.45 -4.40 7.19
N GLY A 147 -9.62 -3.76 8.35
CA GLY A 147 -9.26 -4.39 9.61
C GLY A 147 -10.14 -5.57 9.94
N HIS A 148 -11.44 -5.46 9.65
CA HIS A 148 -12.33 -6.59 9.86
C HIS A 148 -11.97 -7.75 8.94
N ALA A 149 -11.59 -7.44 7.69
CA ALA A 149 -11.21 -8.48 6.75
C ALA A 149 -9.94 -9.18 7.19
N LEU A 150 -8.97 -8.44 7.74
CA LEU A 150 -7.73 -9.06 8.17
C LEU A 150 -7.93 -9.98 9.37
N GLU A 151 -8.97 -9.73 10.17
CA GLU A 151 -9.26 -10.58 11.32
C GLU A 151 -9.90 -11.89 10.90
N GLU A 152 -10.77 -11.86 9.88
CA GLU A 152 -11.44 -13.07 9.44
C GLU A 152 -10.57 -13.93 8.54
N ILE A 153 -9.69 -13.32 7.74
CA ILE A 153 -8.91 -14.09 6.78
C ILE A 153 -7.85 -14.93 7.46
N LYS A 154 -7.42 -14.56 8.67
CA LYS A 154 -6.38 -15.35 9.33
C LYS A 154 -6.90 -16.73 9.74
N LYS A 155 -8.21 -16.87 9.97
CA LYS A 155 -8.77 -18.19 10.23
C LYS A 155 -8.56 -19.12 9.05
N PHE A 156 -8.54 -18.57 7.83
CA PHE A 156 -8.20 -19.38 6.66
C PHE A 156 -6.72 -19.70 6.63
N LEU A 157 -5.87 -18.71 6.91
CA LEU A 157 -4.43 -18.86 6.77
C LEU A 157 -3.78 -19.52 7.98
N ILE A 158 -4.55 -19.86 9.01
CA ILE A 158 -4.02 -20.48 10.22
C ILE A 158 -4.79 -21.79 10.46
N PRO A 159 -4.29 -22.93 9.96
CA PRO A 159 -4.99 -24.20 10.22
C PRO A 159 -5.07 -24.56 11.69
N ASP A 160 -4.04 -24.19 12.47
CA ASP A 160 -3.91 -24.53 13.88
C ASP A 160 -4.57 -23.50 14.80
N TYR A 161 -5.49 -22.69 14.28
CA TYR A 161 -6.14 -21.62 15.04
C TYR A 161 -6.63 -22.07 16.42
N ASN A 162 -6.82 -23.37 16.64
CA ASN A 162 -7.00 -23.86 18.01
C ASN A 162 -5.66 -23.80 18.75
N ASP A 163 -5.63 -23.03 19.83
CA ASP A 163 -4.38 -22.60 20.45
C ASP A 163 -3.47 -21.93 19.43
N GLU B 4 12.26 -12.04 -4.39
CA GLU B 4 11.98 -12.65 -5.69
C GLU B 4 13.27 -13.16 -6.32
N GLU B 5 13.54 -14.46 -6.12
CA GLU B 5 14.80 -15.02 -6.61
C GLU B 5 14.77 -15.29 -8.11
N LYS B 6 13.58 -15.48 -8.69
CA LYS B 6 13.50 -15.75 -10.13
C LYS B 6 13.51 -14.47 -10.96
N TYR B 7 13.03 -13.36 -10.42
CA TYR B 7 12.80 -12.17 -11.25
C TYR B 7 14.11 -11.49 -11.63
N LEU B 8 14.99 -11.25 -10.65
CA LEU B 8 16.22 -10.50 -10.91
C LEU B 8 17.18 -11.19 -11.89
N PRO B 9 17.43 -12.49 -11.84
CA PRO B 9 18.35 -13.08 -12.82
C PRO B 9 17.90 -12.92 -14.26
N GLU B 10 16.59 -12.78 -14.50
CA GLU B 10 16.11 -12.52 -15.86
C GLU B 10 16.31 -11.07 -16.27
N LEU B 11 16.28 -10.14 -15.31
CA LEU B 11 16.59 -8.75 -15.62
C LEU B 11 18.05 -8.57 -15.98
N MET B 12 18.95 -9.15 -15.18
CA MET B 12 20.37 -9.09 -15.48
C MET B 12 20.68 -9.81 -16.79
N ALA B 13 19.96 -10.88 -17.09
CA ALA B 13 20.12 -11.54 -18.37
C ALA B 13 19.69 -10.61 -19.51
N GLU B 14 18.57 -9.91 -19.35
CA GLU B 14 18.16 -8.93 -20.34
C GLU B 14 19.15 -7.77 -20.40
N LYS B 15 19.57 -7.28 -19.23
CA LYS B 15 20.56 -6.20 -19.19
C LYS B 15 21.80 -6.53 -20.02
N ASP B 16 22.34 -7.74 -19.84
CA ASP B 16 23.57 -8.10 -20.53
C ASP B 16 23.33 -8.38 -22.01
N SER B 17 22.22 -9.03 -22.34
CA SER B 17 21.95 -9.46 -23.70
C SER B 17 21.21 -8.43 -24.54
N LEU B 18 20.68 -7.38 -23.93
CA LEU B 18 19.87 -6.42 -24.69
C LEU B 18 20.76 -5.55 -25.55
N ASP B 19 20.18 -5.03 -26.62
CA ASP B 19 20.88 -4.12 -27.51
C ASP B 19 21.00 -2.77 -26.84
N PRO B 20 22.22 -2.23 -26.65
CA PRO B 20 22.35 -0.90 -26.04
C PRO B 20 21.68 0.20 -26.82
N SER B 21 21.35 -0.02 -28.10
CA SER B 21 20.69 1.02 -28.88
C SER B 21 19.31 1.36 -28.34
N PHE B 22 18.72 0.49 -27.54
CA PHE B 22 17.45 0.82 -26.89
C PHE B 22 17.86 1.48 -25.59
N THR B 23 17.78 2.81 -25.55
CA THR B 23 18.29 3.55 -24.39
C THR B 23 17.27 3.60 -23.28
N HIS B 24 16.01 3.86 -23.62
CA HIS B 24 14.97 3.97 -22.60
C HIS B 24 14.67 2.61 -21.98
N ALA B 25 14.56 1.58 -22.81
CA ALA B 25 14.29 0.24 -22.29
C ALA B 25 15.44 -0.25 -21.42
N LEU B 26 16.68 -0.05 -21.86
CA LEU B 26 17.83 -0.47 -21.05
C LEU B 26 17.93 0.35 -19.78
N ARG B 27 17.53 1.62 -19.81
CA ARG B 27 17.52 2.44 -18.60
C ARG B 27 16.46 1.96 -17.63
N LEU B 28 15.30 1.55 -18.15
CA LEU B 28 14.19 1.16 -17.28
C LEU B 28 14.48 -0.14 -16.56
N VAL B 29 15.19 -1.09 -17.20
CA VAL B 29 15.53 -2.32 -16.51
C VAL B 29 16.62 -2.07 -15.49
N ASN B 30 17.46 -1.06 -15.71
CA ASN B 30 18.46 -0.70 -14.71
C ASN B 30 17.81 -0.04 -13.50
N GLN B 31 16.80 0.80 -13.73
CA GLN B 31 16.02 1.35 -12.63
C GLN B 31 15.32 0.25 -11.86
N GLU B 32 14.82 -0.76 -12.57
CA GLU B 32 14.16 -1.89 -11.91
C GLU B 32 15.15 -2.74 -11.13
N ILE B 33 16.43 -2.71 -11.51
CA ILE B 33 17.45 -3.44 -10.74
C ILE B 33 17.82 -2.67 -9.49
N GLU B 34 17.92 -1.34 -9.58
CA GLU B 34 18.29 -0.53 -8.43
C GLU B 34 17.25 -0.55 -7.32
N LYS B 35 16.02 -0.98 -7.63
CA LYS B 35 14.98 -1.03 -6.61
C LYS B 35 15.31 -2.06 -5.53
N PHE B 36 15.86 -3.20 -5.92
CA PHE B 36 15.99 -4.36 -5.06
C PHE B 36 17.34 -4.41 -4.34
N GLN B 37 18.17 -3.39 -4.48
CA GLN B 37 19.44 -3.33 -3.77
C GLN B 37 19.37 -2.33 -2.61
N TYR B 47 3.83 -5.62 3.10
CA TYR B 47 3.68 -7.05 2.84
C TYR B 47 3.53 -7.77 4.18
N ILE B 48 2.33 -8.26 4.46
CA ILE B 48 1.90 -8.62 5.80
C ILE B 48 1.91 -10.13 5.98
N ASP B 49 2.35 -10.56 7.17
CA ASP B 49 2.28 -11.95 7.61
C ASP B 49 1.40 -12.00 8.86
N VAL B 50 0.25 -12.68 8.75
CA VAL B 50 -0.69 -12.72 9.86
C VAL B 50 -0.55 -13.95 10.77
N VAL B 51 0.24 -14.96 10.39
CA VAL B 51 0.40 -16.10 11.28
C VAL B 51 1.44 -15.80 12.35
N ILE B 52 2.48 -15.04 12.00
CA ILE B 52 3.38 -14.52 13.02
C ILE B 52 2.78 -13.32 13.74
N ASN B 53 1.83 -12.62 13.09
CA ASN B 53 0.97 -11.62 13.72
C ASN B 53 1.74 -10.59 14.54
N LYS B 54 2.91 -10.19 14.04
CA LYS B 54 3.66 -9.16 14.72
C LYS B 54 3.08 -7.79 14.36
N ASN B 55 3.67 -6.74 14.95
CA ASN B 55 3.14 -5.39 14.79
C ASN B 55 3.60 -4.79 13.48
N MET B 56 2.68 -4.22 12.73
CA MET B 56 3.01 -3.39 11.58
C MET B 56 2.98 -1.92 11.99
N LYS B 57 3.31 -1.05 11.04
CA LYS B 57 3.12 0.39 11.21
C LYS B 57 2.24 0.89 10.08
N LEU B 58 1.16 1.58 10.44
CA LEU B 58 0.32 2.27 9.49
C LEU B 58 0.49 3.77 9.68
N GLY B 59 0.27 4.51 8.61
CA GLY B 59 0.16 5.95 8.73
C GLY B 59 -0.71 6.52 7.64
N GLN B 60 -1.36 7.63 7.96
CA GLN B 60 -2.20 8.34 7.01
C GLN B 60 -1.98 9.83 7.27
N LYS B 61 -1.60 10.57 6.23
CA LYS B 61 -1.43 12.01 6.37
C LYS B 61 -2.76 12.66 6.04
N VAL B 62 -3.39 13.25 7.05
CA VAL B 62 -4.71 13.85 6.92
C VAL B 62 -4.52 15.35 6.81
N LEU B 63 -4.75 15.89 5.62
CA LEU B 63 -4.76 17.34 5.46
C LEU B 63 -5.91 17.94 6.27
N ILE B 64 -5.70 19.16 6.73
CA ILE B 64 -6.80 19.88 7.39
C ILE B 64 -7.07 21.14 6.58
N PRO B 65 -8.38 21.54 6.41
CA PRO B 65 -8.79 22.44 5.30
C PRO B 65 -8.57 23.93 5.52
N VAL B 66 -7.35 24.39 5.24
CA VAL B 66 -7.09 25.83 5.27
C VAL B 66 -7.59 26.49 3.99
N LYS B 67 -7.67 25.75 2.88
CA LYS B 67 -8.25 26.31 1.66
C LYS B 67 -9.74 26.56 1.84
N GLN B 68 -10.43 25.64 2.51
CA GLN B 68 -11.86 25.81 2.74
C GLN B 68 -12.14 26.77 3.88
N PHE B 69 -11.33 26.72 4.94
CA PHE B 69 -11.53 27.54 6.13
C PHE B 69 -10.24 28.30 6.43
N PRO B 70 -9.96 29.37 5.67
CA PRO B 70 -8.76 30.15 5.96
C PRO B 70 -8.85 30.95 7.25
N LYS B 71 -10.05 31.24 7.72
CA LYS B 71 -10.24 32.05 8.92
C LYS B 71 -10.17 31.25 10.21
N PHE B 72 -10.13 29.92 10.11
CA PHE B 72 -10.19 29.03 11.26
C PHE B 72 -8.83 28.39 11.47
N ASN B 73 -8.27 28.53 12.66
CA ASN B 73 -7.00 27.89 12.99
C ASN B 73 -7.33 26.56 13.67
N PHE B 74 -7.02 25.46 12.98
CA PHE B 74 -7.33 24.13 13.50
C PHE B 74 -6.23 23.65 14.46
N VAL B 75 -4.98 24.02 14.19
CA VAL B 75 -3.85 23.50 14.94
C VAL B 75 -3.98 23.84 16.42
N GLY B 76 -4.52 25.02 16.72
CA GLY B 76 -4.81 25.35 18.12
C GLY B 76 -6.00 24.58 18.65
N LYS B 77 -7.03 24.40 17.82
CA LYS B 77 -8.19 23.62 18.22
C LYS B 77 -7.81 22.16 18.45
N LEU B 78 -6.83 21.65 17.72
CA LEU B 78 -6.40 20.26 17.88
C LEU B 78 -5.62 20.07 19.19
N LEU B 79 -4.61 20.91 19.42
CA LEU B 79 -3.74 20.74 20.58
C LEU B 79 -4.47 21.11 21.87
N GLY B 80 -5.04 22.32 21.93
CA GLY B 80 -5.64 22.81 23.15
C GLY B 80 -4.60 23.30 24.12
N PRO B 81 -4.98 23.55 25.37
CA PRO B 81 -3.99 23.98 26.37
C PRO B 81 -2.96 22.90 26.62
N ARG B 82 -1.69 23.26 26.45
CA ARG B 82 -0.53 22.37 26.59
C ARG B 82 -0.77 21.02 25.92
N GLY B 83 -1.41 21.02 24.75
CA GLY B 83 -1.64 19.79 24.02
C GLY B 83 -2.52 18.78 24.70
N ASN B 84 -3.38 19.21 25.62
CA ASN B 84 -4.21 18.27 26.36
C ASN B 84 -5.24 17.60 25.46
N SER B 85 -5.89 18.36 24.58
CA SER B 85 -6.95 17.78 23.76
C SER B 85 -6.38 16.88 22.68
N LEU B 86 -5.15 17.13 22.21
CA LEU B 86 -4.55 16.24 21.23
C LEU B 86 -4.03 14.97 21.88
N LYS B 87 -3.41 15.09 23.06
CA LYS B 87 -2.94 13.89 23.75
C LYS B 87 -4.12 13.06 24.26
N ARG B 88 -5.20 13.72 24.69
CA ARG B 88 -6.41 12.98 25.04
C ARG B 88 -6.94 12.20 23.85
N LEU B 89 -6.89 12.80 22.65
CA LEU B 89 -7.30 12.09 21.45
C LEU B 89 -6.32 10.98 21.11
N GLN B 90 -5.03 11.23 21.29
CA GLN B 90 -4.02 10.20 21.05
C GLN B 90 -4.17 9.04 22.04
N GLU B 91 -4.61 9.33 23.26
CA GLU B 91 -4.82 8.27 24.25
C GLU B 91 -6.05 7.44 23.90
N GLU B 92 -7.16 8.11 23.59
CA GLU B 92 -8.41 7.39 23.36
C GLU B 92 -8.40 6.63 22.02
N THR B 93 -7.70 7.15 21.02
CA THR B 93 -7.57 6.45 19.75
C THR B 93 -6.35 5.54 19.68
N LEU B 94 -5.46 5.62 20.67
CA LEU B 94 -4.28 4.75 20.75
C LEU B 94 -3.41 4.89 19.50
N THR B 95 -3.17 6.14 19.11
CA THR B 95 -2.39 6.47 17.94
C THR B 95 -1.46 7.63 18.26
N LYS B 96 -0.41 7.78 17.44
CA LYS B 96 0.48 8.92 17.52
C LYS B 96 0.12 9.88 16.38
N MET B 97 -0.32 11.08 16.75
CA MET B 97 -0.68 12.11 15.79
C MET B 97 0.34 13.23 15.89
N SER B 98 0.96 13.57 14.76
CA SER B 98 1.97 14.62 14.68
C SER B 98 1.57 15.62 13.61
N ILE B 99 1.57 16.90 13.97
CA ILE B 99 1.14 17.96 13.06
C ILE B 99 2.35 18.46 12.29
N LEU B 100 2.32 18.29 10.97
CA LEU B 100 3.43 18.61 10.07
C LEU B 100 2.92 19.43 8.90
N GLY B 101 3.85 19.99 8.13
CA GLY B 101 3.55 20.76 6.95
C GLY B 101 3.78 22.25 7.17
N LYS B 102 3.50 23.01 6.11
CA LYS B 102 3.71 24.45 6.15
C LYS B 102 2.74 25.12 7.10
N GLY B 103 3.27 25.87 8.06
CA GLY B 103 2.46 26.52 9.06
C GLY B 103 2.26 25.73 10.33
N SER B 104 2.79 24.51 10.41
CA SER B 104 2.67 23.71 11.63
C SER B 104 3.40 24.37 12.79
N MET B 105 4.61 24.86 12.57
CA MET B 105 5.32 25.59 13.60
C MET B 105 4.66 26.94 13.83
N ARG B 106 4.57 27.34 15.10
CA ARG B 106 3.99 28.64 15.41
C ARG B 106 4.84 29.78 14.89
N ASP B 107 6.15 29.61 14.88
CA ASP B 107 7.07 30.62 14.35
C ASP B 107 7.29 30.29 12.88
N LYS B 108 6.72 31.11 11.99
CA LYS B 108 6.76 30.83 10.56
C LYS B 108 7.96 31.46 9.88
N ALA B 109 8.68 32.34 10.56
CA ALA B 109 9.96 32.83 10.04
C ALA B 109 11.06 31.80 10.27
N LYS B 110 11.12 31.22 11.47
CA LYS B 110 12.01 30.09 11.70
C LYS B 110 11.59 28.89 10.86
N GLU B 111 10.38 28.91 10.32
CA GLU B 111 9.95 27.92 9.34
C GLU B 111 10.64 28.24 8.02
N GLU B 112 10.23 27.55 6.94
CA GLU B 112 11.05 27.34 5.76
C GLU B 112 12.44 27.02 6.31
N GLU B 113 12.46 26.12 7.30
CA GLU B 113 13.58 25.95 8.20
C GLU B 113 14.67 25.15 7.51
N LEU B 114 15.85 25.76 7.37
CA LEU B 114 16.89 25.13 6.56
C LEU B 114 16.30 24.83 5.19
N ARG B 115 16.09 23.56 4.89
CA ARG B 115 15.30 23.08 3.75
C ARG B 115 16.10 23.21 2.45
N LYS B 116 17.11 24.07 2.43
CA LYS B 116 18.17 23.97 1.44
C LYS B 116 19.38 23.24 2.00
N SER B 117 19.39 22.99 3.31
CA SER B 117 20.30 22.02 3.90
C SER B 117 19.81 20.59 3.65
N GLY B 118 18.50 20.42 3.47
CA GLY B 118 17.95 19.17 3.00
C GLY B 118 18.06 18.00 3.96
N GLU B 119 17.57 18.15 5.18
CA GLU B 119 17.47 17.05 6.13
C GLU B 119 16.04 16.53 6.13
N ALA B 120 15.88 15.23 5.88
CA ALA B 120 14.55 14.61 5.90
C ALA B 120 13.86 14.80 7.25
N LYS B 121 14.62 15.11 8.30
CA LYS B 121 14.04 15.54 9.56
C LYS B 121 13.07 16.70 9.35
N TYR B 122 13.50 17.72 8.61
CA TYR B 122 12.71 18.91 8.34
C TYR B 122 12.01 18.89 6.98
N PHE B 123 12.14 17.81 6.21
CA PHE B 123 11.58 17.79 4.86
C PHE B 123 10.08 17.99 4.84
N HIS B 124 9.39 17.63 5.93
CA HIS B 124 7.93 17.67 5.95
C HIS B 124 7.39 19.08 5.76
N LEU B 125 8.21 20.11 5.97
CA LEU B 125 7.72 21.48 5.84
C LEU B 125 7.33 21.82 4.40
N ASN B 126 7.87 21.10 3.41
CA ASN B 126 7.47 21.33 2.02
C ASN B 126 6.08 20.78 1.72
N ASP B 127 5.60 19.84 2.52
CA ASP B 127 4.25 19.32 2.38
C ASP B 127 3.23 20.33 2.89
N ASP B 128 1.98 20.16 2.46
CA ASP B 128 0.88 20.98 2.96
C ASP B 128 0.61 20.66 4.43
N LEU B 129 -0.03 21.60 5.11
CA LEU B 129 -0.27 21.46 6.54
C LEU B 129 -1.27 20.34 6.78
N HIS B 130 -0.89 19.36 7.62
CA HIS B 130 -1.65 18.12 7.73
C HIS B 130 -1.49 17.55 9.13
N VAL B 131 -2.06 16.37 9.33
CA VAL B 131 -1.92 15.60 10.56
C VAL B 131 -1.57 14.17 10.16
N LEU B 132 -0.41 13.70 10.61
CA LEU B 132 0.05 12.34 10.32
C LEU B 132 -0.33 11.45 11.49
N ILE B 133 -1.25 10.51 11.24
CA ILE B 133 -1.71 9.57 12.25
C ILE B 133 -0.94 8.27 12.05
N GLU B 134 -0.10 7.92 13.02
CA GLU B 134 0.63 6.67 13.01
C GLU B 134 0.06 5.75 14.09
N VAL B 135 -0.02 4.46 13.79
CA VAL B 135 -0.52 3.47 14.73
C VAL B 135 0.35 2.22 14.61
N PHE B 136 0.74 1.66 15.75
CA PHE B 136 1.62 0.48 15.80
C PHE B 136 0.86 -0.63 16.50
N ALA B 137 0.51 -1.67 15.75
CA ALA B 137 -0.26 -2.79 16.30
C ALA B 137 -0.21 -3.94 15.32
N PRO B 138 -0.77 -5.11 15.66
CA PRO B 138 -0.95 -6.16 14.65
C PRO B 138 -1.89 -5.68 13.55
N PRO B 139 -1.81 -6.29 12.36
CA PRO B 139 -2.52 -5.71 11.20
C PRO B 139 -4.00 -5.50 11.41
N ALA B 140 -4.72 -6.50 11.94
CA ALA B 140 -6.15 -6.34 12.14
C ALA B 140 -6.46 -5.23 13.13
N GLU B 141 -5.68 -5.15 14.20
CA GLU B 141 -5.88 -4.08 15.19
C GLU B 141 -5.42 -2.74 14.64
N ALA B 142 -4.30 -2.73 13.90
CA ALA B 142 -3.76 -1.48 13.39
C ALA B 142 -4.73 -0.81 12.43
N TYR B 143 -5.35 -1.58 11.54
CA TYR B 143 -6.28 -0.98 10.59
C TYR B 143 -7.57 -0.54 11.26
N ALA B 144 -8.00 -1.25 12.31
CA ALA B 144 -9.22 -0.85 13.00
C ALA B 144 -8.98 0.36 13.91
N ARG B 145 -7.77 0.51 14.45
CA ARG B 145 -7.46 1.69 15.25
C ARG B 145 -7.42 2.93 14.37
N MET B 146 -6.83 2.82 13.18
CA MET B 146 -6.77 3.96 12.27
C MET B 146 -8.16 4.42 11.85
N GLY B 147 -9.05 3.46 11.58
CA GLY B 147 -10.41 3.82 11.21
C GLY B 147 -11.16 4.53 12.32
N HIS B 148 -10.90 4.13 13.57
CA HIS B 148 -11.53 4.82 14.69
C HIS B 148 -10.95 6.21 14.87
N ALA B 149 -9.63 6.36 14.64
CA ALA B 149 -8.99 7.66 14.80
C ALA B 149 -9.52 8.67 13.78
N LEU B 150 -9.72 8.22 12.53
CA LEU B 150 -10.27 9.11 11.52
C LEU B 150 -11.70 9.49 11.82
N GLU B 151 -12.44 8.63 12.53
CA GLU B 151 -13.79 8.96 12.95
C GLU B 151 -13.78 10.15 13.91
N GLU B 152 -12.91 10.11 14.92
CA GLU B 152 -12.91 11.14 15.95
C GLU B 152 -12.21 12.41 15.50
N ILE B 153 -11.26 12.31 14.56
CA ILE B 153 -10.51 13.49 14.16
C ILE B 153 -11.35 14.42 13.27
N LYS B 154 -12.40 13.90 12.64
CA LYS B 154 -13.32 14.76 11.91
C LYS B 154 -13.89 15.85 12.82
N LYS B 155 -14.28 15.45 14.05
CA LYS B 155 -14.95 16.37 14.96
C LYS B 155 -14.12 17.62 15.22
N PHE B 156 -12.79 17.54 15.12
CA PHE B 156 -11.95 18.71 15.27
C PHE B 156 -11.90 19.57 14.00
N LEU B 157 -12.10 18.97 12.82
CA LEU B 157 -11.98 19.70 11.56
C LEU B 157 -13.33 20.17 11.00
N ILE B 158 -14.44 19.91 11.68
CA ILE B 158 -15.74 20.40 11.23
C ILE B 158 -16.33 21.31 12.31
N PRO B 159 -15.96 22.60 12.33
CA PRO B 159 -16.46 23.58 13.31
C PRO B 159 -17.99 23.70 13.30
#